data_4JMC
#
_entry.id   4JMC
#
_cell.length_a   110.320
_cell.length_b   110.320
_cell.length_c   87.840
_cell.angle_alpha   90.00
_cell.angle_beta   90.00
_cell.angle_gamma   120.00
#
_symmetry.space_group_name_H-M   'P 31 2 1'
#
loop_
_entity.id
_entity.type
_entity.pdbx_description
1 polymer 'Putative uncharacterized protein mppR'
2 non-polymer 'PYRUVIC ACID'
3 water water
#
_entity_poly.entity_id   1
_entity_poly.type   'polypeptide(L)'
_entity_poly.pdbx_seq_one_letter_code
;MVRQHAGPRDRSEIVTTSTGTNGRHTVAGPGSAGPVGYSLPLSPTGESAMLTPPPWHFSGEVVMVDYRVDPDAARRFLPP
GLEPGADPGAAAAVFATWQWCSQDGAELTDPGRCQFGEFLILLSCEFEGRPMARCPYAWVDQAVPMMRGWVQGMPKQFGV
IHQSRPVTVGKAGSRLAPGGRFDGALSVHGRRVVEASVTVDRSTDQPPALHDVPLAHTLVFPEWVPSGGGPRPRLVASEV
SDVEFSPIWTGSGDLTFFDGLGDDFGALAPLEVGSGHVFSYGETLHGGRLLSDYSVSERHQP
;
_entity_poly.pdbx_strand_id   A,B
#
loop_
_chem_comp.id
_chem_comp.type
_chem_comp.name
_chem_comp.formula
PYR non-polymer 'PYRUVIC ACID' 'C3 H4 O3'
#
# COMPACT_ATOMS: atom_id res chain seq x y z
N ALA A 33 20.77 16.16 33.47
CA ALA A 33 19.62 16.29 34.34
C ALA A 33 18.36 16.66 33.56
N GLY A 34 17.20 16.31 34.13
CA GLY A 34 15.94 16.60 33.47
C GLY A 34 15.71 15.62 32.33
N PRO A 35 14.57 15.75 31.66
CA PRO A 35 14.23 14.79 30.61
C PRO A 35 15.09 14.93 29.36
N VAL A 36 15.27 13.81 28.66
CA VAL A 36 16.15 13.74 27.49
C VAL A 36 15.48 13.09 26.27
N GLY A 37 16.20 13.05 25.14
CA GLY A 37 15.68 12.39 23.96
C GLY A 37 16.34 12.91 22.69
N TYR A 38 16.38 12.05 21.67
CA TYR A 38 16.87 12.49 20.37
C TYR A 38 16.02 13.64 19.83
N SER A 39 14.72 13.60 20.13
CA SER A 39 13.78 14.64 19.71
C SER A 39 12.70 14.77 20.76
N LEU A 40 11.81 15.76 20.57
CA LEU A 40 10.59 15.84 21.37
C LEU A 40 9.73 14.58 21.12
N PRO A 41 8.90 14.20 22.10
CA PRO A 41 8.88 14.72 23.48
C PRO A 41 10.06 14.21 24.29
N LEU A 42 10.64 15.05 25.14
CA LEU A 42 11.67 14.62 26.08
C LEU A 42 11.05 13.72 27.15
N SER A 43 11.83 12.80 27.71
CA SER A 43 11.32 11.93 28.76
C SER A 43 12.49 11.46 29.62
N PRO A 44 12.21 11.02 30.85
CA PRO A 44 13.31 10.64 31.75
C PRO A 44 14.32 9.63 31.19
N THR A 45 13.86 8.65 30.42
CA THR A 45 14.77 7.65 29.84
C THR A 45 15.11 7.91 28.38
N GLY A 46 14.41 8.86 27.76
CA GLY A 46 14.57 9.11 26.33
C GLY A 46 13.76 8.23 25.39
N GLU A 47 12.94 7.33 25.94
CA GLU A 47 12.21 6.37 25.10
C GLU A 47 11.05 7.02 24.34
N SER A 48 10.55 8.14 24.82
CA SER A 48 9.35 8.74 24.25
C SER A 48 9.58 9.51 22.93
N ALA A 49 10.83 9.87 22.62
CA ALA A 49 11.10 10.70 21.44
C ALA A 49 10.40 10.18 20.20
N MET A 50 9.81 11.11 19.46
CA MET A 50 9.11 10.78 18.22
C MET A 50 10.06 10.16 17.21
N LEU A 51 11.30 10.68 17.16
CA LEU A 51 12.29 10.22 16.21
C LEU A 51 13.35 9.40 16.88
N THR A 52 13.89 8.44 16.13
CA THR A 52 15.05 7.69 16.58
C THR A 52 16.30 8.29 15.95
N PRO A 53 17.43 8.20 16.63
CA PRO A 53 18.64 8.71 15.96
C PRO A 53 18.99 7.90 14.71
N PRO A 54 19.65 8.54 13.75
CA PRO A 54 20.09 7.79 12.57
C PRO A 54 21.16 6.79 12.98
N PRO A 55 21.50 5.85 12.09
CA PRO A 55 21.08 5.71 10.70
C PRO A 55 19.70 5.09 10.53
N TRP A 56 19.08 5.38 9.41
CA TRP A 56 17.80 4.75 9.06
C TRP A 56 17.94 4.04 7.71
N HIS A 57 17.33 2.87 7.57
CA HIS A 57 17.35 2.11 6.32
C HIS A 57 16.03 2.32 5.55
N PHE A 58 16.14 2.46 4.23
CA PHE A 58 14.96 2.59 3.36
C PHE A 58 14.97 1.55 2.24
N SER A 59 13.78 1.01 1.96
CA SER A 59 13.55 0.10 0.84
C SER A 59 12.24 0.52 0.19
N GLY A 60 12.29 0.93 -1.07
CA GLY A 60 11.07 1.44 -1.69
C GLY A 60 10.85 1.05 -3.14
N GLU A 61 9.69 1.48 -3.66
CA GLU A 61 9.28 1.25 -5.05
C GLU A 61 8.97 2.63 -5.65
N VAL A 62 9.55 2.93 -6.80
CA VAL A 62 9.52 4.28 -7.39
C VAL A 62 8.85 4.25 -8.76
N VAL A 63 8.04 5.28 -9.01
CA VAL A 63 7.54 5.60 -10.35
C VAL A 63 7.93 7.06 -10.61
N MET A 64 8.83 7.29 -11.54
N MET A 64 8.80 7.27 -11.59
CA MET A 64 9.30 8.65 -11.78
CA MET A 64 9.50 8.55 -11.83
C MET A 64 9.35 9.02 -13.24
C MET A 64 9.33 9.00 -13.28
N VAL A 65 9.21 10.31 -13.50
CA VAL A 65 9.20 10.84 -14.84
C VAL A 65 10.22 11.98 -14.96
N ASP A 66 11.15 11.82 -15.89
CA ASP A 66 12.06 12.89 -16.25
C ASP A 66 11.33 13.98 -17.03
N TYR A 67 11.65 15.24 -16.76
CA TYR A 67 11.05 16.31 -17.54
C TYR A 67 11.94 17.53 -17.70
N ARG A 68 11.49 18.43 -18.56
CA ARG A 68 12.23 19.64 -18.87
C ARG A 68 11.55 20.81 -18.19
N VAL A 69 12.33 21.51 -17.38
CA VAL A 69 11.86 22.67 -16.64
C VAL A 69 12.47 23.97 -17.19
N ASP A 70 11.77 25.08 -17.01
CA ASP A 70 12.33 26.41 -17.30
C ASP A 70 13.60 26.59 -16.44
N PRO A 71 14.77 26.67 -17.07
CA PRO A 71 16.01 26.71 -16.27
C PRO A 71 16.12 27.97 -15.43
N ASP A 72 15.52 29.04 -15.90
CA ASP A 72 15.58 30.30 -15.18
C ASP A 72 14.70 30.26 -13.93
N ALA A 73 13.59 29.56 -14.02
CA ALA A 73 12.73 29.34 -12.85
C ALA A 73 13.44 28.47 -11.83
N ALA A 74 14.01 27.36 -12.29
CA ALA A 74 14.75 26.46 -11.43
C ALA A 74 15.87 27.20 -10.69
N ARG A 75 16.58 28.09 -11.35
CA ARG A 75 17.68 28.79 -10.71
C ARG A 75 17.25 29.55 -9.46
N ARG A 76 16.02 30.06 -9.45
CA ARG A 76 15.50 30.85 -8.33
C ARG A 76 15.33 29.97 -7.08
N PHE A 77 15.23 28.65 -7.28
CA PHE A 77 15.07 27.74 -6.16
C PHE A 77 16.40 27.25 -5.59
N LEU A 78 17.51 27.67 -6.21
CA LEU A 78 18.83 27.23 -5.74
C LEU A 78 19.42 28.30 -4.84
N PRO A 79 19.73 27.92 -3.57
CA PRO A 79 20.39 28.87 -2.66
C PRO A 79 21.84 29.11 -3.03
N PRO A 80 22.43 30.18 -2.50
CA PRO A 80 23.84 30.43 -2.75
C PRO A 80 24.67 29.18 -2.47
N GLY A 81 25.67 28.93 -3.31
CA GLY A 81 26.47 27.72 -3.15
C GLY A 81 26.09 26.64 -4.13
N LEU A 82 24.83 26.61 -4.53
CA LEU A 82 24.38 25.64 -5.53
C LEU A 82 24.27 26.32 -6.88
N GLU A 83 24.99 25.79 -7.86
CA GLU A 83 24.95 26.32 -9.23
C GLU A 83 24.00 25.50 -10.10
N PRO A 84 23.56 26.08 -11.22
CA PRO A 84 22.72 25.34 -12.17
C PRO A 84 23.39 24.06 -12.62
N GLY A 85 22.60 23.02 -12.82
CA GLY A 85 23.12 21.74 -13.23
C GLY A 85 23.80 21.86 -14.59
N ALA A 86 24.65 20.88 -14.88
CA ALA A 86 25.32 20.77 -16.18
C ALA A 86 24.31 20.77 -17.31
N ASP A 87 23.13 20.22 -17.02
CA ASP A 87 21.97 20.40 -17.88
C ASP A 87 20.93 21.12 -17.04
N PRO A 88 20.91 22.45 -17.12
CA PRO A 88 20.12 23.28 -16.20
C PRO A 88 18.63 22.98 -16.29
N GLY A 89 18.14 22.48 -17.43
CA GLY A 89 16.71 22.22 -17.58
C GLY A 89 16.23 20.83 -17.16
N ALA A 90 17.15 19.98 -16.70
CA ALA A 90 16.79 18.61 -16.30
C ALA A 90 16.09 18.59 -14.94
N ALA A 91 14.90 18.00 -14.90
CA ALA A 91 14.14 17.86 -13.66
C ALA A 91 13.49 16.48 -13.62
N ALA A 92 12.87 16.15 -12.49
CA ALA A 92 12.16 14.89 -12.35
C ALA A 92 11.01 15.02 -11.36
N ALA A 93 9.94 14.27 -11.63
CA ALA A 93 8.82 14.12 -10.71
C ALA A 93 8.85 12.68 -10.21
N VAL A 94 8.90 12.50 -8.89
CA VAL A 94 9.15 11.19 -8.31
C VAL A 94 8.10 10.74 -7.31
N PHE A 95 7.38 9.67 -7.62
CA PHE A 95 6.47 9.02 -6.67
C PHE A 95 7.19 7.82 -6.07
N ALA A 96 7.09 7.62 -4.77
CA ALA A 96 7.64 6.40 -4.15
C ALA A 96 6.84 5.92 -2.98
N THR A 97 6.87 4.63 -2.72
CA THR A 97 6.33 4.09 -1.47
C THR A 97 7.49 3.43 -0.76
N TRP A 98 7.55 3.56 0.55
CA TRP A 98 8.73 3.14 1.31
C TRP A 98 8.35 2.28 2.51
N GLN A 99 9.25 1.36 2.83
CA GLN A 99 9.39 0.89 4.22
C GLN A 99 10.72 1.43 4.75
N TRP A 100 10.76 1.75 6.04
CA TRP A 100 12.00 2.22 6.66
C TRP A 100 12.14 1.62 8.05
N CYS A 101 13.35 1.60 8.58
CA CYS A 101 13.56 1.25 9.98
C CYS A 101 14.88 1.79 10.52
N SER A 102 15.02 1.76 11.84
CA SER A 102 16.26 2.09 12.50
C SER A 102 17.21 0.90 12.44
N GLN A 103 18.39 1.03 13.02
CA GLN A 103 19.40 -0.01 12.91
C GLN A 103 18.88 -1.33 13.50
N ASP A 104 18.10 -1.26 14.59
CA ASP A 104 17.61 -2.49 15.21
C ASP A 104 16.44 -3.16 14.49
N GLY A 105 15.91 -2.55 13.44
CA GLY A 105 14.84 -3.18 12.67
C GLY A 105 13.48 -3.20 13.37
N ALA A 106 13.39 -2.56 14.54
CA ALA A 106 12.20 -2.73 15.38
C ALA A 106 10.89 -2.30 14.68
N GLU A 107 10.95 -1.23 13.87
CA GLU A 107 9.73 -0.70 13.27
C GLU A 107 9.10 -1.66 12.26
N LEU A 108 9.90 -2.58 11.70
CA LEU A 108 9.41 -3.44 10.61
C LEU A 108 8.26 -4.36 11.03
N THR A 109 8.15 -4.68 12.32
CA THR A 109 7.13 -5.62 12.78
C THR A 109 5.75 -5.01 12.89
N ASP A 110 5.67 -3.70 12.72
N ASP A 110 5.70 -3.69 12.69
CA ASP A 110 4.41 -2.97 12.73
CA ASP A 110 4.46 -2.92 12.72
C ASP A 110 4.30 -2.18 11.43
C ASP A 110 4.36 -2.18 11.39
N PRO A 111 3.68 -2.79 10.41
CA PRO A 111 3.65 -2.18 9.06
C PRO A 111 3.11 -0.76 9.06
N GLY A 112 2.15 -0.48 9.94
CA GLY A 112 1.61 0.87 10.01
C GLY A 112 2.66 1.90 10.45
N ARG A 113 3.67 1.48 11.20
CA ARG A 113 4.67 2.41 11.71
C ARG A 113 5.82 2.61 10.75
N CYS A 114 6.03 1.69 9.81
CA CYS A 114 7.24 1.71 9.00
C CYS A 114 7.02 2.03 7.54
N GLN A 115 5.79 2.33 7.15
CA GLN A 115 5.48 2.59 5.75
C GLN A 115 5.06 4.02 5.54
N PHE A 116 5.42 4.58 4.38
CA PHE A 116 4.85 5.86 3.96
C PHE A 116 4.98 6.05 2.47
N GLY A 117 4.12 6.91 1.92
CA GLY A 117 4.19 7.29 0.52
C GLY A 117 4.74 8.70 0.37
N GLU A 118 5.32 8.97 -0.80
CA GLU A 118 6.00 10.25 -1.04
C GLU A 118 5.88 10.72 -2.50
N PHE A 119 5.84 12.03 -2.70
CA PHE A 119 6.05 12.64 -4.02
C PHE A 119 7.07 13.76 -3.88
N LEU A 120 8.02 13.83 -4.79
CA LEU A 120 8.94 14.96 -4.77
C LEU A 120 9.32 15.43 -6.15
N ILE A 121 9.76 16.68 -6.19
CA ILE A 121 10.36 17.28 -7.38
C ILE A 121 11.87 17.34 -7.16
N LEU A 122 12.63 16.95 -8.18
CA LEU A 122 14.08 17.13 -8.18
C LEU A 122 14.55 18.05 -9.31
N LEU A 123 15.47 18.95 -8.96
CA LEU A 123 16.15 19.84 -9.93
C LEU A 123 17.63 19.52 -9.97
N SER A 124 18.20 19.56 -11.17
CA SER A 124 19.63 19.33 -11.33
C SER A 124 20.43 20.56 -10.90
N CYS A 125 21.48 20.34 -10.12
CA CYS A 125 22.37 21.43 -9.73
C CYS A 125 23.79 20.89 -9.52
N GLU A 126 24.71 21.77 -9.11
CA GLU A 126 26.07 21.36 -8.76
C GLU A 126 26.59 22.09 -7.54
N PHE A 127 27.41 21.40 -6.75
CA PHE A 127 28.17 22.03 -5.68
C PHE A 127 29.65 21.82 -5.96
N GLU A 128 30.34 22.92 -6.24
CA GLU A 128 31.77 22.89 -6.53
C GLU A 128 32.10 21.85 -7.59
N GLY A 129 31.39 21.92 -8.71
CA GLY A 129 31.64 21.06 -9.86
C GLY A 129 31.05 19.67 -9.76
N ARG A 130 30.41 19.33 -8.64
CA ARG A 130 29.88 17.98 -8.47
C ARG A 130 28.36 17.94 -8.63
N PRO A 131 27.85 17.08 -9.52
CA PRO A 131 26.40 16.98 -9.72
C PRO A 131 25.66 16.65 -8.44
N MET A 132 24.56 17.34 -8.20
CA MET A 132 23.70 17.00 -7.07
C MET A 132 22.26 17.26 -7.50
N ALA A 133 21.32 16.96 -6.62
CA ALA A 133 19.92 17.27 -6.90
C ALA A 133 19.38 18.19 -5.79
N ARG A 134 18.56 19.16 -6.18
CA ARG A 134 17.87 20.01 -5.21
C ARG A 134 16.42 19.54 -5.19
N CYS A 135 15.89 19.31 -4.00
CA CYS A 135 14.48 18.98 -3.87
C CYS A 135 13.77 20.22 -3.33
N PRO A 136 13.07 20.97 -4.21
CA PRO A 136 12.39 22.20 -3.79
C PRO A 136 11.04 21.93 -3.12
N TYR A 137 10.41 20.80 -3.42
CA TYR A 137 9.10 20.42 -2.87
C TYR A 137 9.03 18.91 -2.65
N ALA A 138 8.47 18.51 -1.51
CA ALA A 138 8.14 17.11 -1.24
C ALA A 138 6.89 17.00 -0.41
N TRP A 139 6.14 15.91 -0.60
CA TRP A 139 4.99 15.59 0.25
C TRP A 139 5.11 14.16 0.71
N VAL A 140 4.67 13.88 1.94
CA VAL A 140 4.52 12.52 2.42
C VAL A 140 3.17 12.35 3.11
N ASP A 141 2.81 11.12 3.47
CA ASP A 141 1.51 10.88 4.11
C ASP A 141 1.59 10.30 5.52
N GLN A 142 2.75 10.43 6.15
CA GLN A 142 2.91 10.05 7.56
C GLN A 142 3.75 11.09 8.29
N ALA A 143 3.45 11.28 9.58
CA ALA A 143 4.04 12.37 10.36
C ALA A 143 5.52 12.14 10.71
N VAL A 144 5.89 10.91 11.07
CA VAL A 144 7.32 10.69 11.41
C VAL A 144 8.24 11.04 10.24
N PRO A 145 7.97 10.46 9.06
CA PRO A 145 8.79 10.87 7.91
C PRO A 145 8.78 12.38 7.62
N MET A 146 7.64 13.04 7.84
CA MET A 146 7.59 14.46 7.57
C MET A 146 8.57 15.23 8.46
N MET A 147 8.50 14.99 9.77
N MET A 147 8.51 14.97 9.76
CA MET A 147 9.36 15.69 10.71
CA MET A 147 9.32 15.68 10.73
C MET A 147 10.80 15.34 10.47
C MET A 147 10.80 15.33 10.55
N ARG A 148 11.04 14.06 10.22
CA ARG A 148 12.41 13.59 9.97
C ARG A 148 12.95 14.29 8.74
N GLY A 149 12.07 14.61 7.81
CA GLY A 149 12.44 15.39 6.64
C GLY A 149 12.98 16.75 7.02
N TRP A 150 12.25 17.46 7.88
CA TRP A 150 12.73 18.79 8.29
C TRP A 150 14.06 18.71 9.04
N VAL A 151 14.28 17.64 9.80
CA VAL A 151 15.58 17.43 10.44
C VAL A 151 16.74 17.49 9.41
N GLN A 152 16.48 17.03 8.19
CA GLN A 152 17.49 16.95 7.13
C GLN A 152 17.51 18.20 6.23
N GLY A 153 16.54 19.07 6.43
CA GLY A 153 16.36 20.19 5.52
C GLY A 153 15.51 19.86 4.32
N MET A 154 14.88 18.69 4.29
CA MET A 154 14.06 18.32 3.16
C MET A 154 12.64 18.84 3.38
N PRO A 155 12.11 19.64 2.43
CA PRO A 155 10.90 20.43 2.68
C PRO A 155 9.60 19.64 2.52
N LYS A 156 9.45 18.63 3.36
CA LYS A 156 8.26 17.78 3.31
C LYS A 156 7.01 18.44 3.91
N GLN A 157 5.91 18.36 3.15
CA GLN A 157 4.59 18.74 3.65
C GLN A 157 3.72 17.50 3.60
N PHE A 158 2.46 17.62 4.02
CA PHE A 158 1.56 16.47 4.04
C PHE A 158 0.66 16.42 2.81
N GLY A 159 0.48 15.23 2.24
CA GLY A 159 -0.48 15.07 1.16
C GLY A 159 -1.04 13.68 1.04
N VAL A 160 -1.94 13.49 0.10
CA VAL A 160 -2.54 12.19 -0.20
C VAL A 160 -1.91 11.71 -1.49
N ILE A 161 -1.30 10.54 -1.42
CA ILE A 161 -0.38 10.08 -2.44
C ILE A 161 -0.72 8.65 -2.83
N HIS A 162 -0.98 8.45 -4.11
CA HIS A 162 -1.33 7.13 -4.61
C HIS A 162 -0.39 6.68 -5.71
N GLN A 163 -0.21 5.39 -5.81
CA GLN A 163 0.78 4.86 -6.75
C GLN A 163 0.40 3.43 -7.12
N SER A 164 0.44 3.13 -8.42
CA SER A 164 0.16 1.79 -8.92
C SER A 164 1.18 0.80 -8.42
N ARG A 165 0.73 -0.44 -8.20
CA ARG A 165 1.64 -1.52 -7.87
C ARG A 165 1.65 -2.59 -8.97
N PRO A 166 2.82 -3.14 -9.30
CA PRO A 166 2.88 -4.24 -10.24
C PRO A 166 2.17 -5.44 -9.67
N VAL A 167 1.57 -6.24 -10.54
CA VAL A 167 0.96 -7.49 -10.15
C VAL A 167 1.70 -8.64 -10.83
N THR A 168 1.56 -9.85 -10.29
CA THR A 168 2.18 -11.01 -10.91
C THR A 168 1.18 -12.12 -11.18
N VAL A 169 -0.06 -11.96 -10.73
CA VAL A 169 -1.11 -12.95 -11.02
C VAL A 169 -2.39 -12.17 -11.32
N GLY A 170 -3.25 -12.73 -12.14
CA GLY A 170 -4.53 -12.09 -12.44
C GLY A 170 -4.40 -11.00 -13.47
N LYS A 171 -5.48 -10.24 -13.64
CA LYS A 171 -5.61 -9.29 -14.72
C LYS A 171 -5.75 -7.86 -14.23
N ALA A 172 -5.89 -7.68 -12.91
CA ALA A 172 -6.17 -6.36 -12.38
C ALA A 172 -4.92 -5.57 -12.09
N GLY A 173 -4.16 -5.31 -13.15
CA GLY A 173 -2.97 -4.48 -13.03
C GLY A 173 -2.00 -4.79 -14.14
N SER A 174 -0.80 -4.23 -14.01
CA SER A 174 0.24 -4.36 -14.99
C SER A 174 1.42 -5.14 -14.43
N ARG A 175 2.08 -5.90 -15.28
CA ARG A 175 3.31 -6.57 -14.89
C ARG A 175 4.48 -5.63 -15.16
N LEU A 176 5.59 -5.86 -14.45
CA LEU A 176 6.86 -5.24 -14.81
C LEU A 176 7.38 -5.90 -16.06
N ALA A 177 6.92 -5.40 -17.20
CA ALA A 177 7.22 -6.01 -18.50
C ALA A 177 6.82 -5.00 -19.57
N PRO A 178 7.33 -5.18 -20.80
CA PRO A 178 6.94 -4.25 -21.86
C PRO A 178 5.43 -4.12 -21.97
N GLY A 179 4.96 -2.87 -22.06
CA GLY A 179 3.54 -2.59 -22.13
C GLY A 179 2.92 -2.27 -20.78
N GLY A 180 3.63 -2.56 -19.69
CA GLY A 180 3.12 -2.26 -18.36
C GLY A 180 2.97 -0.78 -18.06
N ARG A 181 1.79 -0.40 -17.58
CA ARG A 181 1.51 0.99 -17.21
C ARG A 181 1.42 1.16 -15.71
N PHE A 182 2.00 2.27 -15.23
CA PHE A 182 1.99 2.63 -13.80
C PHE A 182 1.70 4.10 -13.64
N ASP A 183 0.86 4.43 -12.67
CA ASP A 183 0.41 5.80 -12.45
C ASP A 183 0.69 6.26 -11.02
N GLY A 184 0.82 7.57 -10.84
CA GLY A 184 0.92 8.16 -9.53
C GLY A 184 0.06 9.41 -9.46
N ALA A 185 -0.42 9.76 -8.27
CA ALA A 185 -1.22 10.97 -8.10
C ALA A 185 -0.99 11.56 -6.72
N LEU A 186 -0.94 12.88 -6.68
CA LEU A 186 -0.84 13.65 -5.43
C LEU A 186 -1.97 14.65 -5.37
N SER A 187 -2.74 14.61 -4.27
CA SER A 187 -3.68 15.66 -3.96
C SER A 187 -3.30 16.28 -2.62
N VAL A 188 -3.53 17.59 -2.50
CA VAL A 188 -3.30 18.34 -1.27
C VAL A 188 -4.52 19.21 -1.00
N HIS A 189 -5.01 19.19 0.23
CA HIS A 189 -6.21 19.94 0.60
C HIS A 189 -7.38 19.64 -0.33
N GLY A 190 -7.46 18.40 -0.77
CA GLY A 190 -8.61 17.92 -1.51
C GLY A 190 -8.65 18.34 -2.98
N ARG A 191 -7.52 18.76 -3.50
CA ARG A 191 -7.43 19.02 -4.94
C ARG A 191 -6.13 18.48 -5.51
N ARG A 192 -6.17 18.19 -6.80
CA ARG A 192 -5.03 17.56 -7.44
C ARG A 192 -3.87 18.51 -7.59
N VAL A 193 -2.68 17.96 -7.43
CA VAL A 193 -1.44 18.71 -7.63
C VAL A 193 -0.65 18.18 -8.82
N VAL A 194 -0.39 16.86 -8.83
CA VAL A 194 0.34 16.20 -9.93
C VAL A 194 -0.27 14.85 -10.25
N GLU A 195 -0.31 14.53 -11.54
CA GLU A 195 -0.58 13.17 -12.00
C GLU A 195 0.55 12.77 -12.92
N ALA A 196 1.02 11.53 -12.78
CA ALA A 196 2.08 11.01 -13.63
C ALA A 196 1.74 9.62 -14.12
N SER A 197 2.24 9.27 -15.30
CA SER A 197 2.05 7.93 -15.84
C SER A 197 3.29 7.50 -16.58
N VAL A 198 3.57 6.20 -16.50
CA VAL A 198 4.68 5.60 -17.24
C VAL A 198 4.18 4.32 -17.91
N THR A 199 4.49 4.16 -19.20
CA THR A 199 4.27 2.88 -19.87
C THR A 199 5.63 2.34 -20.30
N VAL A 200 6.07 1.27 -19.66
CA VAL A 200 7.44 0.79 -19.84
C VAL A 200 7.58 -0.06 -21.08
N ASP A 201 8.75 0.00 -21.70
N ASP A 201 8.75 0.00 -21.70
CA ASP A 201 9.02 -0.75 -22.92
CA ASP A 201 8.99 -0.73 -22.93
C ASP A 201 10.16 -1.74 -22.71
C ASP A 201 10.31 -1.51 -22.96
N ARG A 202 11.15 -1.34 -21.92
CA ARG A 202 12.41 -2.08 -21.83
C ARG A 202 13.05 -1.92 -20.45
N SER A 203 13.93 -2.87 -20.11
CA SER A 203 14.69 -2.84 -18.86
C SER A 203 16.14 -2.44 -19.10
N THR A 204 16.72 -1.66 -18.19
CA THR A 204 18.12 -1.26 -18.28
C THR A 204 18.82 -1.34 -16.92
N ASP A 205 20.14 -1.17 -16.92
CA ASP A 205 20.92 -1.14 -15.68
C ASP A 205 21.47 0.28 -15.47
N GLN A 206 20.78 1.28 -16.00
CA GLN A 206 21.21 2.67 -15.87
C GLN A 206 20.29 3.44 -14.93
N PRO A 207 20.72 3.71 -13.68
CA PRO A 207 19.84 4.47 -12.79
C PRO A 207 19.57 5.87 -13.34
N PRO A 208 18.33 6.35 -13.22
CA PRO A 208 18.04 7.73 -13.61
C PRO A 208 18.97 8.70 -12.90
N ALA A 209 19.55 9.63 -13.65
CA ALA A 209 20.61 10.48 -13.13
C ALA A 209 20.25 11.26 -11.86
N LEU A 210 19.04 11.81 -11.78
CA LEU A 210 18.69 12.64 -10.63
C LEU A 210 18.40 11.82 -9.39
N HIS A 211 18.21 10.51 -9.56
CA HIS A 211 18.00 9.63 -8.42
C HIS A 211 19.31 8.96 -8.00
N ASP A 212 20.42 9.35 -8.62
CA ASP A 212 21.71 8.73 -8.33
C ASP A 212 22.83 9.74 -7.99
N VAL A 213 22.42 10.84 -7.35
CA VAL A 213 23.33 11.91 -6.94
C VAL A 213 22.93 12.42 -5.55
N PRO A 214 23.87 13.04 -4.83
CA PRO A 214 23.52 13.52 -3.49
C PRO A 214 22.44 14.59 -3.54
N LEU A 215 21.62 14.65 -2.50
CA LEU A 215 20.61 15.70 -2.35
C LEU A 215 21.20 16.81 -1.48
N ALA A 216 21.07 18.05 -1.94
CA ALA A 216 21.58 19.20 -1.19
C ALA A 216 20.39 19.98 -0.64
N HIS A 217 20.27 20.00 0.69
CA HIS A 217 19.12 20.61 1.36
C HIS A 217 19.54 21.88 2.10
N THR A 218 18.56 22.68 2.50
CA THR A 218 18.82 23.83 3.35
C THR A 218 18.26 23.55 4.74
N LEU A 219 19.16 23.50 5.72
CA LEU A 219 18.78 23.22 7.09
C LEU A 219 18.40 24.52 7.75
N VAL A 220 17.10 24.69 8.00
CA VAL A 220 16.64 25.90 8.68
C VAL A 220 15.30 25.65 9.35
N PHE A 221 15.12 26.28 10.50
CA PHE A 221 13.94 26.06 11.29
C PHE A 221 13.49 27.42 11.82
N PRO A 222 12.18 27.69 11.79
CA PRO A 222 11.68 29.02 12.13
C PRO A 222 12.15 29.47 13.49
N GLU A 223 12.47 30.75 13.62
CA GLU A 223 12.87 31.33 14.89
C GLU A 223 11.64 31.64 15.71
N TRP A 224 11.71 31.32 16.99
CA TRP A 224 10.57 31.48 17.87
C TRP A 224 10.84 32.62 18.86
N VAL A 225 12.08 32.71 19.35
CA VAL A 225 12.42 33.77 20.30
C VAL A 225 12.97 35.00 19.59
N ARG A 232 19.88 31.45 10.41
CA ARG A 232 21.19 30.82 10.31
C ARG A 232 21.16 29.54 9.46
N PRO A 233 20.60 29.63 8.24
CA PRO A 233 20.49 28.48 7.33
C PRO A 233 21.85 27.90 6.96
N ARG A 234 21.89 26.60 6.71
CA ARG A 234 23.11 25.91 6.27
C ARG A 234 22.78 25.00 5.10
N LEU A 235 23.68 24.98 4.12
CA LEU A 235 23.55 24.08 3.00
C LEU A 235 24.19 22.75 3.39
N VAL A 236 23.42 21.67 3.35
CA VAL A 236 23.88 20.36 3.78
C VAL A 236 23.58 19.31 2.73
N ALA A 237 24.41 18.28 2.68
CA ALA A 237 24.15 17.13 1.83
C ALA A 237 23.76 15.97 2.73
N SER A 238 22.78 15.17 2.31
CA SER A 238 22.46 13.97 3.05
C SER A 238 23.49 12.90 2.69
N GLU A 239 24.18 12.37 3.70
CA GLU A 239 25.15 11.31 3.48
C GLU A 239 24.48 9.95 3.50
N VAL A 240 24.65 9.20 2.42
CA VAL A 240 24.00 7.90 2.29
C VAL A 240 25.04 6.83 1.95
N SER A 241 24.72 5.57 2.25
CA SER A 241 25.56 4.43 1.88
C SER A 241 24.66 3.26 1.46
N ASP A 242 25.28 2.23 0.88
CA ASP A 242 24.55 1.03 0.48
C ASP A 242 23.38 1.36 -0.44
N VAL A 243 23.62 2.28 -1.37
CA VAL A 243 22.61 2.60 -2.38
C VAL A 243 22.43 1.44 -3.36
N GLU A 244 21.19 1.05 -3.60
CA GLU A 244 20.91 -0.12 -4.43
C GLU A 244 19.69 0.13 -5.34
N PHE A 245 19.83 -0.19 -6.63
CA PHE A 245 18.70 -0.14 -7.57
C PHE A 245 18.43 -1.55 -8.11
N SER A 246 17.15 -1.89 -8.30
CA SER A 246 16.75 -3.02 -9.14
C SER A 246 17.03 -2.64 -10.60
N PRO A 247 16.85 -3.60 -11.53
CA PRO A 247 16.78 -3.23 -12.95
C PRO A 247 15.75 -2.10 -13.14
N ILE A 248 16.06 -1.18 -14.05
CA ILE A 248 15.19 -0.03 -14.30
C ILE A 248 14.29 -0.29 -15.51
N TRP A 249 12.97 -0.24 -15.31
CA TRP A 249 12.03 -0.33 -16.41
C TRP A 249 11.70 1.05 -16.94
N THR A 250 11.97 1.26 -18.22
CA THR A 250 11.89 2.59 -18.79
C THR A 250 10.97 2.64 -20.00
N GLY A 251 10.24 3.74 -20.14
CA GLY A 251 9.38 3.96 -21.30
C GLY A 251 8.93 5.40 -21.43
N SER A 252 7.74 5.58 -21.98
CA SER A 252 7.17 6.90 -22.18
C SER A 252 6.79 7.47 -20.84
N GLY A 253 6.83 8.78 -20.71
CA GLY A 253 6.40 9.40 -19.48
C GLY A 253 5.32 10.40 -19.80
N ASP A 254 4.43 10.58 -18.83
CA ASP A 254 3.44 11.65 -18.89
C ASP A 254 3.33 12.33 -17.55
N LEU A 255 3.13 13.65 -17.58
CA LEU A 255 3.09 14.43 -16.35
C LEU A 255 2.17 15.61 -16.54
N THR A 256 1.26 15.78 -15.58
CA THR A 256 0.33 16.91 -15.55
C THR A 256 0.43 17.61 -14.20
N PHE A 257 0.72 18.92 -14.21
CA PHE A 257 0.68 19.72 -12.98
C PHE A 257 -0.62 20.50 -12.97
N PHE A 258 -1.19 20.68 -11.79
CA PHE A 258 -2.43 21.45 -11.62
C PHE A 258 -2.15 22.73 -10.80
N ASP A 259 -3.03 23.73 -10.91
CA ASP A 259 -2.94 24.96 -10.12
C ASP A 259 -3.40 24.72 -8.69
N GLY A 260 -3.19 25.71 -7.84
CA GLY A 260 -3.69 25.66 -6.46
C GLY A 260 -2.61 26.00 -5.44
N LEU A 261 -1.39 25.56 -5.72
CA LEU A 261 -0.28 25.67 -4.79
C LEU A 261 0.51 26.97 -4.93
N GLY A 262 0.13 27.77 -5.91
CA GLY A 262 0.74 29.08 -6.09
C GLY A 262 1.67 29.17 -7.28
N ASP A 263 1.92 30.39 -7.71
CA ASP A 263 2.71 30.62 -8.91
C ASP A 263 4.16 30.18 -8.74
N ASP A 264 4.67 30.14 -7.50
CA ASP A 264 6.06 29.75 -7.28
C ASP A 264 6.25 28.28 -7.66
N PHE A 265 5.31 27.45 -7.25
CA PHE A 265 5.35 26.02 -7.56
C PHE A 265 5.09 25.81 -9.04
N GLY A 266 4.12 26.55 -9.60
CA GLY A 266 3.73 26.39 -10.98
C GLY A 266 4.84 26.75 -11.95
N ALA A 267 5.77 27.59 -11.50
CA ALA A 267 6.92 27.98 -12.31
C ALA A 267 7.78 26.75 -12.66
N LEU A 268 7.62 25.68 -11.89
CA LEU A 268 8.39 24.47 -12.11
C LEU A 268 7.65 23.42 -12.94
N ALA A 269 6.49 23.77 -13.51
CA ALA A 269 5.74 22.80 -14.31
C ALA A 269 6.50 22.47 -15.60
N PRO A 270 6.26 21.29 -16.17
CA PRO A 270 7.03 20.84 -17.32
C PRO A 270 6.78 21.63 -18.58
N LEU A 271 7.86 21.99 -19.27
CA LEU A 271 7.81 22.55 -20.62
C LEU A 271 7.64 21.43 -21.62
N GLU A 272 8.25 20.29 -21.29
CA GLU A 272 8.21 19.11 -22.13
C GLU A 272 8.41 17.93 -21.17
N VAL A 273 7.84 16.78 -21.49
CA VAL A 273 7.93 15.61 -20.61
C VAL A 273 8.74 14.49 -21.29
N GLY A 274 9.63 13.87 -20.53
CA GLY A 274 10.53 12.88 -21.07
C GLY A 274 10.18 11.45 -20.70
N SER A 275 11.22 10.65 -20.47
CA SER A 275 11.04 9.23 -20.16
C SER A 275 10.57 8.96 -18.73
N GLY A 276 9.77 7.91 -18.59
CA GLY A 276 9.35 7.43 -17.28
C GLY A 276 10.17 6.21 -16.87
N HIS A 277 10.28 5.99 -15.56
CA HIS A 277 11.08 4.87 -15.02
C HIS A 277 10.38 4.27 -13.82
N VAL A 278 10.38 2.93 -13.74
CA VAL A 278 9.77 2.21 -12.62
C VAL A 278 10.85 1.27 -12.07
N PHE A 279 11.14 1.35 -10.78
CA PHE A 279 12.23 0.55 -10.20
C PHE A 279 12.12 0.49 -8.67
N SER A 280 12.87 -0.43 -8.07
CA SER A 280 13.02 -0.50 -6.61
C SER A 280 14.33 0.15 -6.18
N TYR A 281 14.34 0.73 -4.99
CA TYR A 281 15.48 1.51 -4.51
C TYR A 281 15.70 1.29 -3.04
N GLY A 282 16.95 1.14 -2.64
CA GLY A 282 17.29 1.09 -1.22
C GLY A 282 18.46 2.00 -0.87
N GLU A 283 18.49 2.49 0.37
CA GLU A 283 19.66 3.23 0.85
C GLU A 283 19.66 3.29 2.36
N THR A 284 20.82 3.60 2.92
CA THR A 284 20.96 3.89 4.34
C THR A 284 21.36 5.36 4.52
N LEU A 285 20.59 6.07 5.32
CA LEU A 285 20.80 7.51 5.55
C LEU A 285 21.46 7.72 6.90
N HIS A 286 22.66 8.34 6.93
CA HIS A 286 23.47 8.43 8.15
C HIS A 286 23.42 9.76 8.91
N GLY A 287 23.24 10.86 8.20
CA GLY A 287 23.37 12.17 8.80
C GLY A 287 23.68 13.21 7.75
N GLY A 288 23.97 14.43 8.20
CA GLY A 288 24.25 15.53 7.28
C GLY A 288 25.73 15.88 7.20
N ARG A 289 26.13 16.34 6.02
CA ARG A 289 27.48 16.87 5.79
C ARG A 289 27.36 18.33 5.39
N LEU A 290 28.02 19.19 6.15
CA LEU A 290 27.96 20.62 5.86
C LEU A 290 28.64 20.95 4.53
N LEU A 291 27.90 21.59 3.64
CA LEU A 291 28.46 22.09 2.39
C LEU A 291 28.86 23.55 2.56
N SER A 292 28.03 24.31 3.26
CA SER A 292 28.32 25.73 3.49
C SER A 292 27.56 26.29 4.70
N ASP A 293 28.34 26.92 5.59
CA ASP A 293 27.90 27.70 6.75
C ASP A 293 27.53 29.12 6.37
N TYR A 294 27.97 29.54 5.19
CA TYR A 294 27.82 30.93 4.75
C TYR A 294 28.60 31.88 5.66
N SER A 295 29.57 31.34 6.39
CA SER A 295 30.40 32.14 7.29
C SER A 295 31.82 31.57 7.34
N GLY B 34 -37.05 6.81 -16.66
CA GLY B 34 -36.54 7.41 -15.43
C GLY B 34 -35.05 7.13 -15.33
N PRO B 35 -34.38 7.64 -14.26
CA PRO B 35 -32.94 7.36 -14.15
C PRO B 35 -32.67 5.88 -13.89
N VAL B 36 -31.48 5.44 -14.33
CA VAL B 36 -31.11 4.04 -14.27
C VAL B 36 -29.72 3.86 -13.66
N GLY B 37 -29.30 2.61 -13.51
CA GLY B 37 -27.95 2.32 -13.05
C GLY B 37 -27.87 0.94 -12.44
N TYR B 38 -26.68 0.35 -12.50
CA TYR B 38 -26.45 -0.93 -11.86
C TYR B 38 -26.74 -0.84 -10.37
N SER B 39 -26.41 0.31 -9.78
CA SER B 39 -26.64 0.57 -8.37
C SER B 39 -26.95 2.05 -8.18
N LEU B 40 -27.31 2.42 -6.95
CA LEU B 40 -27.40 3.84 -6.58
C LEU B 40 -26.04 4.51 -6.77
N PRO B 41 -26.01 5.83 -7.02
CA PRO B 41 -27.12 6.71 -7.35
C PRO B 41 -27.60 6.42 -8.79
N LEU B 42 -28.91 6.37 -9.02
CA LEU B 42 -29.44 6.32 -10.36
C LEU B 42 -29.19 7.62 -11.12
N SER B 43 -29.08 7.55 -12.44
CA SER B 43 -28.85 8.76 -13.22
C SER B 43 -29.35 8.56 -14.64
N PRO B 44 -29.56 9.65 -15.38
CA PRO B 44 -30.17 9.49 -16.71
C PRO B 44 -29.44 8.52 -17.62
N THR B 45 -28.11 8.49 -17.59
CA THR B 45 -27.39 7.58 -18.47
C THR B 45 -26.87 6.32 -17.78
N GLY B 46 -27.02 6.24 -16.47
CA GLY B 46 -26.47 5.11 -15.74
C GLY B 46 -25.02 5.28 -15.31
N GLU B 47 -24.38 6.40 -15.68
CA GLU B 47 -22.96 6.55 -15.45
C GLU B 47 -22.60 6.84 -13.98
N SER B 48 -23.55 7.38 -13.21
CA SER B 48 -23.27 7.78 -11.83
C SER B 48 -23.16 6.64 -10.80
N ALA B 49 -23.67 5.46 -11.14
CA ALA B 49 -23.72 4.31 -10.23
C ALA B 49 -22.39 4.09 -9.50
N MET B 50 -22.47 3.91 -8.19
CA MET B 50 -21.28 3.65 -7.38
C MET B 50 -20.58 2.36 -7.80
N LEU B 51 -21.39 1.35 -8.12
CA LEU B 51 -20.87 0.04 -8.53
C LEU B 51 -21.06 -0.16 -10.02
N THR B 52 -20.08 -0.78 -10.65
CA THR B 52 -20.23 -1.28 -12.02
C THR B 52 -20.73 -2.71 -12.03
N PRO B 53 -21.40 -3.12 -13.10
CA PRO B 53 -21.79 -4.52 -13.14
C PRO B 53 -20.58 -5.44 -13.18
N PRO B 54 -20.75 -6.67 -12.67
CA PRO B 54 -19.69 -7.64 -12.85
C PRO B 54 -19.59 -8.03 -14.34
N PRO B 55 -18.52 -8.72 -14.73
CA PRO B 55 -17.46 -9.26 -13.88
C PRO B 55 -16.42 -8.25 -13.44
N TRP B 56 -15.80 -8.57 -12.32
CA TRP B 56 -14.71 -7.77 -11.79
C TRP B 56 -13.50 -8.67 -11.61
N HIS B 57 -12.34 -8.15 -11.97
CA HIS B 57 -11.08 -8.85 -11.81
C HIS B 57 -10.39 -8.38 -10.55
N PHE B 58 -9.72 -9.31 -9.88
CA PHE B 58 -8.93 -9.02 -8.67
C PHE B 58 -7.51 -9.60 -8.75
N SER B 59 -6.53 -8.81 -8.30
CA SER B 59 -5.14 -9.26 -8.15
C SER B 59 -4.64 -8.77 -6.79
N GLY B 60 -4.27 -9.72 -5.91
CA GLY B 60 -3.97 -9.39 -4.53
C GLY B 60 -2.71 -10.06 -3.99
N GLU B 61 -2.24 -9.51 -2.87
CA GLU B 61 -1.12 -10.05 -2.08
C GLU B 61 -1.69 -10.45 -0.72
N VAL B 62 -1.44 -11.70 -0.32
CA VAL B 62 -2.10 -12.28 0.85
C VAL B 62 -1.11 -12.69 1.92
N VAL B 63 -1.45 -12.40 3.18
CA VAL B 63 -0.72 -12.97 4.34
C VAL B 63 -1.78 -13.65 5.21
N MET B 64 -1.71 -14.98 5.33
CA MET B 64 -2.80 -15.79 5.88
C MET B 64 -2.25 -16.70 6.97
N VAL B 65 -3.04 -16.92 8.02
CA VAL B 65 -2.66 -17.89 9.05
C VAL B 65 -3.80 -18.88 9.29
N ASP B 66 -3.48 -20.16 9.14
CA ASP B 66 -4.44 -21.22 9.46
C ASP B 66 -4.50 -21.39 10.95
N TYR B 67 -5.69 -21.71 11.48
CA TYR B 67 -5.80 -21.93 12.91
C TYR B 67 -6.95 -22.84 13.29
N ARG B 68 -6.97 -23.24 14.56
CA ARG B 68 -8.00 -24.13 15.09
C ARG B 68 -8.99 -23.31 15.90
N VAL B 69 -10.26 -23.40 15.51
CA VAL B 69 -11.36 -22.72 16.20
C VAL B 69 -12.22 -23.74 16.95
N ASP B 70 -12.90 -23.30 18.01
CA ASP B 70 -13.84 -24.19 18.73
C ASP B 70 -14.93 -24.60 17.73
N PRO B 71 -15.10 -25.90 17.50
CA PRO B 71 -16.04 -26.30 16.44
C PRO B 71 -17.50 -25.93 16.75
N ASP B 72 -17.84 -25.94 18.04
CA ASP B 72 -19.18 -25.56 18.46
C ASP B 72 -19.43 -24.08 18.17
N ALA B 73 -18.42 -23.26 18.40
CA ALA B 73 -18.55 -21.82 18.13
C ALA B 73 -18.74 -21.60 16.65
N ALA B 74 -17.96 -22.31 15.84
CA ALA B 74 -18.06 -22.17 14.39
C ALA B 74 -19.44 -22.60 13.87
N ARG B 75 -19.95 -23.72 14.39
CA ARG B 75 -21.27 -24.21 14.00
C ARG B 75 -22.38 -23.16 14.19
N ARG B 76 -22.29 -22.39 15.27
CA ARG B 76 -23.28 -21.35 15.56
C ARG B 76 -23.27 -20.20 14.57
N PHE B 77 -22.20 -20.06 13.79
CA PHE B 77 -22.14 -19.04 12.73
C PHE B 77 -22.61 -19.58 11.37
N LEU B 78 -22.98 -20.87 11.31
CA LEU B 78 -23.40 -21.43 10.04
C LEU B 78 -24.92 -21.37 9.89
N PRO B 79 -25.39 -20.73 8.82
CA PRO B 79 -26.85 -20.71 8.63
C PRO B 79 -27.39 -22.04 8.11
N PRO B 80 -28.71 -22.19 8.10
CA PRO B 80 -29.33 -23.42 7.59
C PRO B 80 -28.81 -23.76 6.19
N GLY B 81 -28.53 -25.05 5.98
CA GLY B 81 -27.96 -25.51 4.73
C GLY B 81 -26.46 -25.64 4.74
N LEU B 82 -25.76 -24.80 5.52
CA LEU B 82 -24.31 -24.93 5.68
C LEU B 82 -23.97 -25.79 6.89
N GLU B 83 -23.29 -26.89 6.64
CA GLU B 83 -23.02 -27.89 7.66
C GLU B 83 -21.54 -27.84 8.03
N PRO B 84 -21.20 -28.41 9.20
CA PRO B 84 -19.79 -28.36 9.63
C PRO B 84 -18.82 -29.01 8.64
N GLY B 85 -17.63 -28.45 8.54
CA GLY B 85 -16.62 -28.96 7.62
C GLY B 85 -16.19 -30.38 7.97
N ALA B 86 -15.68 -31.13 6.98
CA ALA B 86 -15.11 -32.45 7.24
C ALA B 86 -14.10 -32.33 8.39
N ASP B 87 -13.49 -31.15 8.49
CA ASP B 87 -12.68 -30.76 9.65
C ASP B 87 -13.31 -29.52 10.27
N PRO B 88 -14.25 -29.74 11.20
CA PRO B 88 -15.08 -28.67 11.77
C PRO B 88 -14.26 -27.55 12.42
N GLY B 89 -13.08 -27.88 12.94
CA GLY B 89 -12.27 -26.88 13.61
C GLY B 89 -11.32 -26.08 12.75
N ALA B 90 -11.32 -26.29 11.43
CA ALA B 90 -10.36 -25.58 10.57
C ALA B 90 -10.86 -24.19 10.25
N ALA B 91 -10.01 -23.21 10.54
CA ALA B 91 -10.28 -21.81 10.26
C ALA B 91 -9.04 -21.10 9.70
N ALA B 92 -9.21 -19.86 9.26
CA ALA B 92 -8.10 -19.06 8.79
C ALA B 92 -8.34 -17.59 9.03
N ALA B 93 -7.24 -16.87 9.31
CA ALA B 93 -7.24 -15.42 9.37
C ALA B 93 -6.48 -14.90 8.16
N VAL B 94 -7.12 -14.03 7.37
CA VAL B 94 -6.60 -13.65 6.07
C VAL B 94 -6.47 -12.13 5.91
N PHE B 95 -5.23 -11.66 5.76
CA PHE B 95 -4.93 -10.26 5.38
C PHE B 95 -4.67 -10.24 3.90
N ALA B 96 -5.24 -9.26 3.20
CA ALA B 96 -4.87 -9.08 1.80
C ALA B 96 -4.92 -7.63 1.38
N THR B 97 -4.09 -7.31 0.41
CA THR B 97 -4.19 -6.03 -0.32
C THR B 97 -4.51 -6.33 -1.79
N TRP B 98 -5.40 -5.54 -2.37
CA TRP B 98 -5.96 -5.83 -3.69
C TRP B 98 -5.84 -4.66 -4.63
N GLN B 99 -5.69 -4.97 -5.91
CA GLN B 99 -6.18 -4.09 -6.98
C GLN B 99 -7.35 -4.80 -7.67
N TRP B 100 -8.33 -4.05 -8.15
CA TRP B 100 -9.45 -4.64 -8.87
C TRP B 100 -9.84 -3.75 -10.03
N CYS B 101 -10.58 -4.29 -10.99
CA CYS B 101 -11.13 -3.44 -12.04
C CYS B 101 -12.29 -4.15 -12.72
N SER B 102 -13.06 -3.37 -13.49
CA SER B 102 -14.12 -3.92 -14.31
C SER B 102 -13.52 -4.49 -15.58
N GLN B 103 -14.39 -5.08 -16.43
CA GLN B 103 -13.96 -5.70 -17.68
C GLN B 103 -13.14 -4.75 -18.57
N ASP B 104 -13.48 -3.46 -18.56
CA ASP B 104 -12.78 -2.50 -19.41
C ASP B 104 -11.44 -2.01 -18.83
N GLY B 105 -11.16 -2.36 -17.58
CA GLY B 105 -9.89 -2.01 -16.95
C GLY B 105 -9.72 -0.56 -16.54
N ALA B 106 -10.81 0.21 -16.60
CA ALA B 106 -10.71 1.67 -16.51
C ALA B 106 -10.19 2.13 -15.14
N GLU B 107 -10.54 1.39 -14.09
CA GLU B 107 -10.21 1.80 -12.74
C GLU B 107 -8.70 1.74 -12.53
N LEU B 108 -8.01 0.93 -13.32
CA LEU B 108 -6.57 0.72 -13.07
C LEU B 108 -5.71 1.98 -13.18
N THR B 109 -6.18 2.97 -13.95
CA THR B 109 -5.39 4.17 -14.23
C THR B 109 -5.42 5.18 -13.07
N ASP B 110 -6.27 4.91 -12.08
N ASP B 110 -6.28 4.89 -12.09
CA ASP B 110 -6.38 5.76 -10.90
CA ASP B 110 -6.42 5.70 -10.89
C ASP B 110 -6.17 4.85 -9.69
C ASP B 110 -6.16 4.79 -9.70
N PRO B 111 -4.93 4.75 -9.20
CA PRO B 111 -4.60 3.79 -8.13
C PRO B 111 -5.47 3.97 -6.90
N GLY B 112 -5.86 5.19 -6.61
CA GLY B 112 -6.72 5.44 -5.47
C GLY B 112 -8.09 4.80 -5.60
N ARG B 113 -8.54 4.62 -6.84
CA ARG B 113 -9.87 4.06 -7.08
C ARG B 113 -9.88 2.54 -7.11
N CYS B 114 -8.74 1.91 -7.36
CA CYS B 114 -8.74 0.47 -7.64
C CYS B 114 -8.06 -0.36 -6.57
N GLN B 115 -7.64 0.27 -5.47
CA GLN B 115 -6.90 -0.42 -4.43
C GLN B 115 -7.69 -0.49 -3.13
N PHE B 116 -7.56 -1.59 -2.40
CA PHE B 116 -8.08 -1.65 -1.02
C PHE B 116 -7.40 -2.73 -0.21
N GLY B 117 -7.45 -2.58 1.10
CA GLY B 117 -6.97 -3.59 2.05
C GLY B 117 -8.15 -4.31 2.72
N GLU B 118 -7.87 -5.53 3.19
CA GLU B 118 -8.91 -6.41 3.71
C GLU B 118 -8.36 -7.36 4.76
N PHE B 119 -9.20 -7.64 5.77
CA PHE B 119 -8.98 -8.74 6.70
C PHE B 119 -10.25 -9.55 6.81
N LEU B 120 -10.14 -10.87 6.76
N LEU B 120 -10.08 -10.88 6.77
CA LEU B 120 -11.31 -11.70 6.92
CA LEU B 120 -11.19 -11.82 6.76
C LEU B 120 -11.00 -12.99 7.66
C LEU B 120 -10.95 -12.95 7.77
N ILE B 121 -12.05 -13.52 8.26
CA ILE B 121 -12.03 -14.83 8.91
C ILE B 121 -12.73 -15.82 7.96
N LEU B 122 -12.16 -17.01 7.79
CA LEU B 122 -12.82 -18.10 7.07
C LEU B 122 -13.02 -19.31 7.99
N LEU B 123 -14.18 -19.95 7.86
CA LEU B 123 -14.52 -21.17 8.60
C LEU B 123 -14.79 -22.26 7.59
N SER B 124 -14.32 -23.45 7.87
CA SER B 124 -14.59 -24.61 7.02
C SER B 124 -16.03 -25.08 7.18
N CYS B 125 -16.71 -25.37 6.07
CA CYS B 125 -18.08 -25.90 6.10
C CYS B 125 -18.33 -26.71 4.82
N GLU B 126 -19.54 -27.26 4.67
CA GLU B 126 -19.92 -27.92 3.44
C GLU B 126 -21.39 -27.63 3.11
N PHE B 127 -21.70 -27.67 1.81
CA PHE B 127 -23.08 -27.56 1.37
C PHE B 127 -23.35 -28.75 0.51
N GLU B 128 -24.38 -29.51 0.85
CA GLU B 128 -24.73 -30.69 0.09
C GLU B 128 -23.52 -31.56 -0.24
N GLY B 129 -22.66 -31.74 0.76
CA GLY B 129 -21.54 -32.67 0.67
C GLY B 129 -20.27 -32.09 0.08
N ARG B 130 -20.31 -30.84 -0.34
CA ARG B 130 -19.18 -30.22 -1.02
C ARG B 130 -18.52 -29.17 -0.12
N PRO B 131 -17.19 -29.25 0.03
CA PRO B 131 -16.49 -28.28 0.90
C PRO B 131 -16.61 -26.85 0.41
N MET B 132 -16.83 -25.95 1.37
CA MET B 132 -16.90 -24.52 1.10
C MET B 132 -16.31 -23.80 2.30
N ALA B 133 -16.27 -22.48 2.17
CA ALA B 133 -15.85 -21.65 3.27
C ALA B 133 -16.95 -20.65 3.59
N ARG B 134 -17.08 -20.39 4.88
CA ARG B 134 -17.99 -19.36 5.36
C ARG B 134 -17.14 -18.23 5.89
N CYS B 135 -17.46 -17.01 5.46
CA CYS B 135 -16.81 -15.82 5.98
C CYS B 135 -17.75 -15.14 6.97
N PRO B 136 -17.51 -15.32 8.28
CA PRO B 136 -18.46 -14.71 9.22
C PRO B 136 -18.19 -13.22 9.46
N TYR B 137 -16.94 -12.79 9.23
CA TYR B 137 -16.52 -11.39 9.46
C TYR B 137 -15.49 -10.99 8.41
N ALA B 138 -15.59 -9.75 7.91
CA ALA B 138 -14.60 -9.19 7.02
C ALA B 138 -14.56 -7.69 7.27
N TRP B 139 -13.38 -7.11 7.08
CA TRP B 139 -13.21 -5.64 7.09
C TRP B 139 -12.41 -5.19 5.89
N VAL B 140 -12.78 -4.02 5.36
CA VAL B 140 -12.07 -3.38 4.27
C VAL B 140 -11.86 -1.89 4.59
N ASP B 141 -10.98 -1.23 3.85
CA ASP B 141 -10.71 0.18 4.09
C ASP B 141 -11.12 1.15 2.95
N GLN B 142 -12.02 0.68 2.08
CA GLN B 142 -12.59 1.52 1.01
C GLN B 142 -14.06 1.22 0.84
N ALA B 143 -14.84 2.26 0.48
CA ALA B 143 -16.29 2.17 0.46
C ALA B 143 -16.83 1.34 -0.69
N VAL B 144 -16.24 1.46 -1.89
CA VAL B 144 -16.76 0.66 -3.01
C VAL B 144 -16.67 -0.83 -2.70
N PRO B 145 -15.51 -1.31 -2.26
CA PRO B 145 -15.44 -2.74 -1.93
C PRO B 145 -16.40 -3.14 -0.80
N MET B 146 -16.62 -2.23 0.14
CA MET B 146 -17.51 -2.57 1.23
C MET B 146 -18.94 -2.83 0.74
N MET B 147 -19.48 -1.88 -0.03
N MET B 147 -19.46 -1.87 -0.03
CA MET B 147 -20.85 -2.02 -0.55
CA MET B 147 -20.81 -1.95 -0.59
C MET B 147 -20.94 -3.22 -1.48
C MET B 147 -20.97 -3.14 -1.54
N ARG B 148 -19.94 -3.39 -2.34
CA ARG B 148 -19.93 -4.51 -3.27
C ARG B 148 -19.95 -5.84 -2.52
N GLY B 149 -19.30 -5.89 -1.36
CA GLY B 149 -19.38 -7.07 -0.48
C GLY B 149 -20.81 -7.37 -0.10
N TRP B 150 -21.55 -6.36 0.37
CA TRP B 150 -22.93 -6.60 0.76
C TRP B 150 -23.80 -7.05 -0.41
N VAL B 151 -23.53 -6.55 -1.61
CA VAL B 151 -24.21 -7.06 -2.81
C VAL B 151 -24.13 -8.57 -2.92
N GLN B 152 -23.00 -9.12 -2.48
CA GLN B 152 -22.71 -10.56 -2.57
C GLN B 152 -23.13 -11.35 -1.35
N GLY B 153 -23.58 -10.66 -0.30
CA GLY B 153 -23.79 -11.26 1.00
C GLY B 153 -22.55 -11.41 1.89
N MET B 154 -21.47 -10.74 1.51
CA MET B 154 -20.21 -10.81 2.26
C MET B 154 -20.21 -9.71 3.31
N PRO B 155 -20.06 -10.06 4.60
CA PRO B 155 -20.35 -9.17 5.73
C PRO B 155 -19.23 -8.14 6.03
N LYS B 156 -18.86 -7.36 5.04
CA LYS B 156 -17.76 -6.38 5.17
C LYS B 156 -18.15 -5.16 6.00
N GLN B 157 -17.31 -4.84 6.97
CA GLN B 157 -17.37 -3.59 7.71
C GLN B 157 -16.09 -2.79 7.42
N PHE B 158 -15.96 -1.60 8.02
CA PHE B 158 -14.82 -0.73 7.76
C PHE B 158 -13.79 -0.85 8.87
N GLY B 159 -12.53 -0.86 8.48
CA GLY B 159 -11.44 -0.91 9.45
C GLY B 159 -10.17 -0.32 8.89
N VAL B 160 -9.15 -0.26 9.77
CA VAL B 160 -7.81 0.14 9.41
C VAL B 160 -6.92 -1.08 9.38
N ILE B 161 -6.34 -1.35 8.21
CA ILE B 161 -5.70 -2.62 7.91
C ILE B 161 -4.32 -2.38 7.36
N HIS B 162 -3.32 -2.96 8.03
CA HIS B 162 -1.94 -2.79 7.64
C HIS B 162 -1.33 -4.17 7.37
N GLN B 163 -0.37 -4.20 6.47
CA GLN B 163 0.23 -5.45 5.99
C GLN B 163 1.64 -5.18 5.47
N SER B 164 2.62 -5.98 5.93
CA SER B 164 3.98 -5.90 5.44
C SER B 164 4.05 -6.21 3.97
N ARG B 165 5.02 -5.60 3.30
CA ARG B 165 5.29 -5.89 1.91
C ARG B 165 6.70 -6.45 1.74
N PRO B 166 6.86 -7.45 0.85
CA PRO B 166 8.20 -7.93 0.54
C PRO B 166 9.02 -6.83 -0.09
N VAL B 167 10.33 -6.86 0.14
CA VAL B 167 11.25 -5.93 -0.49
C VAL B 167 12.25 -6.75 -1.30
N THR B 168 12.88 -6.13 -2.29
CA THR B 168 13.87 -6.81 -3.13
C THR B 168 15.22 -6.11 -3.11
N VAL B 169 15.28 -4.93 -2.50
CA VAL B 169 16.52 -4.17 -2.36
C VAL B 169 16.57 -3.55 -0.95
N GLY B 170 17.79 -3.24 -0.49
CA GLY B 170 17.96 -2.60 0.79
C GLY B 170 17.71 -3.53 1.98
N LYS B 171 17.60 -2.94 3.18
CA LYS B 171 17.53 -3.69 4.43
C LYS B 171 16.23 -3.52 5.18
N ALA B 172 15.35 -2.63 4.70
CA ALA B 172 14.17 -2.27 5.46
C ALA B 172 12.98 -3.15 5.10
N GLY B 173 13.11 -4.45 5.40
CA GLY B 173 12.03 -5.37 5.13
C GLY B 173 12.53 -6.80 4.96
N SER B 174 11.60 -7.67 4.60
CA SER B 174 11.92 -9.06 4.38
C SER B 174 11.78 -9.42 2.91
N ARG B 175 12.61 -10.35 2.46
N ARG B 175 12.63 -10.34 2.45
CA ARG B 175 12.45 -10.92 1.14
CA ARG B 175 12.47 -10.93 1.14
C ARG B 175 11.48 -12.10 1.23
C ARG B 175 11.50 -12.10 1.23
N LEU B 176 10.85 -12.41 0.11
CA LEU B 176 10.05 -13.62 -0.02
C LEU B 176 11.02 -14.76 -0.22
N ALA B 177 11.51 -15.25 0.91
CA ALA B 177 12.59 -16.22 0.96
C ALA B 177 12.59 -16.79 2.38
N PRO B 178 13.26 -17.94 2.57
CA PRO B 178 13.30 -18.53 3.91
C PRO B 178 13.76 -17.53 4.97
N GLY B 179 13.05 -17.48 6.10
CA GLY B 179 13.37 -16.53 7.14
C GLY B 179 12.66 -15.20 7.02
N GLY B 180 11.96 -14.96 5.92
CA GLY B 180 11.27 -13.70 5.74
C GLY B 180 10.03 -13.63 6.62
N ARG B 181 9.88 -12.52 7.33
CA ARG B 181 8.74 -12.34 8.22
C ARG B 181 7.81 -11.29 7.66
N PHE B 182 6.49 -11.54 7.83
CA PHE B 182 5.44 -10.68 7.33
C PHE B 182 4.35 -10.55 8.38
N ASP B 183 3.87 -9.32 8.57
CA ASP B 183 2.94 -9.03 9.64
C ASP B 183 1.69 -8.36 9.12
N GLY B 184 0.58 -8.54 9.85
CA GLY B 184 -0.68 -7.89 9.51
C GLY B 184 -1.36 -7.38 10.76
N ALA B 185 -2.10 -6.29 10.65
CA ALA B 185 -2.85 -5.77 11.80
C ALA B 185 -4.16 -5.14 11.39
N LEU B 186 -5.19 -5.35 12.20
CA LEU B 186 -6.50 -4.73 12.00
C LEU B 186 -6.87 -3.98 13.27
N SER B 187 -7.22 -2.70 13.14
CA SER B 187 -7.85 -1.93 14.22
C SER B 187 -9.20 -1.44 13.71
N VAL B 188 -10.15 -1.42 14.62
CA VAL B 188 -11.49 -0.92 14.40
C VAL B 188 -11.88 0.04 15.53
N HIS B 189 -12.40 1.19 15.16
CA HIS B 189 -12.72 2.25 16.11
C HIS B 189 -11.58 2.57 17.08
N GLY B 190 -10.35 2.52 16.54
CA GLY B 190 -9.18 2.97 17.27
C GLY B 190 -8.66 1.96 18.30
N ARG B 191 -9.12 0.71 18.20
CA ARG B 191 -8.73 -0.38 19.09
C ARG B 191 -8.25 -1.56 18.25
N ARG B 192 -7.23 -2.28 18.73
N ARG B 192 -7.26 -2.30 18.74
CA ARG B 192 -6.76 -3.49 18.04
CA ARG B 192 -6.76 -3.48 18.02
C ARG B 192 -7.84 -4.56 18.01
C ARG B 192 -7.79 -4.61 18.03
N VAL B 193 -7.90 -5.29 16.89
CA VAL B 193 -8.80 -6.44 16.75
C VAL B 193 -8.00 -7.73 16.52
N VAL B 194 -7.09 -7.71 15.54
CA VAL B 194 -6.24 -8.87 15.23
C VAL B 194 -4.83 -8.43 14.85
N GLU B 195 -3.84 -9.22 15.30
CA GLU B 195 -2.46 -9.14 14.80
C GLU B 195 -2.09 -10.52 14.33
N ALA B 196 -1.41 -10.58 13.19
CA ALA B 196 -0.93 -11.87 12.70
C ALA B 196 0.51 -11.72 12.21
N SER B 197 1.23 -12.82 12.19
CA SER B 197 2.60 -12.80 11.72
C SER B 197 2.92 -14.14 11.08
N VAL B 198 3.75 -14.11 10.04
CA VAL B 198 4.19 -15.34 9.39
C VAL B 198 5.69 -15.22 9.15
N THR B 199 6.45 -16.26 9.50
CA THR B 199 7.84 -16.35 9.08
C THR B 199 7.97 -17.56 8.15
N VAL B 200 8.22 -17.30 6.88
CA VAL B 200 8.17 -18.35 5.89
C VAL B 200 9.45 -19.15 5.89
N ASP B 201 9.33 -20.43 5.53
N ASP B 201 9.37 -20.42 5.52
CA ASP B 201 10.45 -21.37 5.52
CA ASP B 201 10.56 -21.26 5.45
C ASP B 201 10.71 -21.95 4.13
C ASP B 201 10.69 -22.09 4.18
N ARG B 202 9.66 -22.11 3.35
CA ARG B 202 9.74 -22.81 2.07
C ARG B 202 8.64 -22.41 1.11
N SER B 203 8.84 -22.73 -0.16
CA SER B 203 7.85 -22.47 -1.20
C SER B 203 7.18 -23.81 -1.59
N THR B 204 5.87 -23.78 -1.85
CA THR B 204 5.13 -24.97 -2.30
C THR B 204 4.20 -24.59 -3.45
N ASP B 205 3.58 -25.59 -4.06
CA ASP B 205 2.55 -25.34 -5.06
C ASP B 205 1.18 -25.82 -4.57
N GLN B 206 0.98 -25.73 -3.25
CA GLN B 206 -0.23 -26.23 -2.60
C GLN B 206 -1.05 -25.09 -2.05
N PRO B 207 -2.08 -24.64 -2.79
CA PRO B 207 -2.83 -23.50 -2.25
C PRO B 207 -3.49 -23.87 -0.92
N PRO B 208 -3.48 -22.95 0.04
CA PRO B 208 -4.17 -23.14 1.33
C PRO B 208 -5.63 -23.52 1.12
N ALA B 209 -6.03 -24.62 1.76
CA ALA B 209 -7.34 -25.23 1.52
C ALA B 209 -8.52 -24.28 1.58
N LEU B 210 -8.57 -23.42 2.61
CA LEU B 210 -9.73 -22.56 2.81
C LEU B 210 -9.73 -21.41 1.82
N HIS B 211 -8.63 -21.18 1.12
CA HIS B 211 -8.57 -20.14 0.10
C HIS B 211 -8.77 -20.69 -1.29
N ASP B 212 -9.19 -21.96 -1.39
CA ASP B 212 -9.34 -22.63 -2.69
C ASP B 212 -10.66 -23.41 -2.76
N VAL B 213 -11.68 -22.89 -2.06
CA VAL B 213 -13.04 -23.41 -2.15
C VAL B 213 -14.05 -22.29 -2.32
N PRO B 214 -15.28 -22.62 -2.75
CA PRO B 214 -16.30 -21.59 -2.92
C PRO B 214 -16.67 -20.94 -1.59
N LEU B 215 -16.95 -19.65 -1.60
CA LEU B 215 -17.47 -18.94 -0.43
C LEU B 215 -18.99 -18.92 -0.46
N ALA B 216 -19.63 -19.35 0.63
CA ALA B 216 -21.08 -19.40 0.73
C ALA B 216 -21.54 -18.28 1.66
N HIS B 217 -22.20 -17.28 1.07
CA HIS B 217 -22.64 -16.12 1.83
C HIS B 217 -24.15 -16.08 2.04
N THR B 218 -24.59 -15.25 2.98
CA THR B 218 -26.01 -15.01 3.18
C THR B 218 -26.36 -13.65 2.63
N LEU B 219 -27.11 -13.64 1.53
CA LEU B 219 -27.55 -12.41 0.86
C LEU B 219 -28.84 -11.94 1.54
N VAL B 220 -28.75 -10.86 2.31
CA VAL B 220 -29.91 -10.34 3.01
C VAL B 220 -29.68 -8.87 3.31
N PHE B 221 -30.76 -8.11 3.23
CA PHE B 221 -30.70 -6.67 3.49
C PHE B 221 -31.76 -6.32 4.49
N PRO B 222 -31.50 -5.30 5.30
CA PRO B 222 -32.47 -5.03 6.37
C PRO B 222 -33.81 -4.57 5.78
N GLU B 223 -34.90 -4.96 6.42
CA GLU B 223 -36.21 -4.56 5.96
C GLU B 223 -36.45 -3.12 6.42
N TRP B 224 -36.73 -2.27 5.45
CA TRP B 224 -36.97 -0.86 5.68
C TRP B 224 -38.48 -0.60 5.66
N VAL B 225 -39.16 -1.18 4.68
CA VAL B 225 -40.63 -1.18 4.66
C VAL B 225 -41.18 -2.50 5.20
N PRO B 226 -42.02 -2.44 6.23
CA PRO B 226 -42.46 -3.65 6.95
C PRO B 226 -43.13 -4.68 6.04
N PRO B 231 -36.83 -10.30 6.30
CA PRO B 231 -36.62 -11.73 6.00
C PRO B 231 -36.18 -12.00 4.55
N ARG B 232 -36.41 -13.24 4.11
CA ARG B 232 -36.08 -13.70 2.75
C ARG B 232 -34.58 -13.73 2.50
N PRO B 233 -33.79 -14.16 3.50
CA PRO B 233 -32.37 -14.41 3.23
C PRO B 233 -32.20 -15.52 2.19
N ARG B 234 -31.13 -15.43 1.42
CA ARG B 234 -30.76 -16.48 0.47
C ARG B 234 -29.32 -16.90 0.70
N LEU B 235 -29.08 -18.20 0.63
CA LEU B 235 -27.73 -18.72 0.69
C LEU B 235 -27.21 -18.76 -0.73
N VAL B 236 -26.09 -18.08 -0.97
N VAL B 236 -26.08 -18.10 -0.95
CA VAL B 236 -25.54 -17.89 -2.31
CA VAL B 236 -25.52 -17.92 -2.27
C VAL B 236 -24.03 -18.08 -2.32
C VAL B 236 -24.05 -18.28 -2.27
N ALA B 237 -23.52 -18.56 -3.46
CA ALA B 237 -22.08 -18.75 -3.65
C ALA B 237 -21.59 -17.76 -4.69
N SER B 238 -20.41 -17.22 -4.45
CA SER B 238 -19.81 -16.33 -5.41
C SER B 238 -19.20 -17.17 -6.49
N GLU B 239 -19.65 -16.91 -7.73
CA GLU B 239 -19.12 -17.63 -8.89
C GLU B 239 -17.83 -16.98 -9.42
N VAL B 240 -16.72 -17.72 -9.38
CA VAL B 240 -15.43 -17.20 -9.86
C VAL B 240 -14.83 -18.03 -11.00
N SER B 241 -13.97 -17.40 -11.79
CA SER B 241 -13.21 -18.10 -12.83
C SER B 241 -11.76 -17.60 -12.78
N ASP B 242 -10.90 -18.24 -13.55
CA ASP B 242 -9.50 -17.78 -13.69
C ASP B 242 -8.82 -17.60 -12.36
N VAL B 243 -9.07 -18.52 -11.44
CA VAL B 243 -8.41 -18.45 -10.16
C VAL B 243 -6.92 -18.80 -10.36
N GLU B 244 -6.03 -17.98 -9.80
CA GLU B 244 -4.59 -18.21 -9.95
C GLU B 244 -3.86 -17.93 -8.63
N PHE B 245 -2.89 -18.79 -8.31
CA PHE B 245 -2.04 -18.59 -7.16
C PHE B 245 -0.58 -18.48 -7.64
N SER B 246 0.21 -17.65 -6.97
CA SER B 246 1.66 -17.70 -7.10
C SER B 246 2.15 -18.92 -6.35
N PRO B 247 3.46 -19.19 -6.39
CA PRO B 247 3.99 -20.13 -5.42
C PRO B 247 3.67 -19.67 -4.01
N ILE B 248 3.40 -20.64 -3.13
CA ILE B 248 2.92 -20.35 -1.78
C ILE B 248 4.11 -20.41 -0.83
N TRP B 249 4.42 -19.31 -0.14
CA TRP B 249 5.52 -19.34 0.83
C TRP B 249 4.92 -19.65 2.19
N THR B 250 5.35 -20.75 2.80
CA THR B 250 4.70 -21.25 4.01
C THR B 250 5.70 -21.37 5.14
N GLY B 251 5.22 -21.11 6.35
CA GLY B 251 6.06 -21.26 7.54
C GLY B 251 5.24 -21.22 8.80
N SER B 252 5.82 -20.70 9.86
CA SER B 252 5.15 -20.67 11.15
C SER B 252 4.11 -19.55 11.13
N GLY B 253 3.05 -19.74 11.90
CA GLY B 253 2.03 -18.72 11.99
C GLY B 253 1.84 -18.27 13.42
N ASP B 254 1.46 -17.01 13.58
CA ASP B 254 1.12 -16.48 14.90
C ASP B 254 -0.08 -15.60 14.73
N LEU B 255 -0.98 -15.67 15.70
CA LEU B 255 -2.24 -14.94 15.60
C LEU B 255 -2.68 -14.54 17.01
N THR B 256 -3.03 -13.28 17.16
CA THR B 256 -3.58 -12.79 18.43
C THR B 256 -4.90 -12.06 18.15
N PHE B 257 -5.96 -12.45 18.84
CA PHE B 257 -7.21 -11.70 18.83
C PHE B 257 -7.28 -10.84 20.09
N PHE B 258 -7.89 -9.68 19.95
CA PHE B 258 -8.13 -8.76 21.06
C PHE B 258 -9.63 -8.62 21.34
N ASP B 259 -9.97 -8.17 22.54
CA ASP B 259 -11.37 -7.94 22.90
C ASP B 259 -11.86 -6.63 22.34
N GLY B 260 -13.18 -6.40 22.44
CA GLY B 260 -13.76 -5.13 22.02
C GLY B 260 -14.97 -5.27 21.10
N LEU B 261 -14.94 -6.28 20.23
CA LEU B 261 -15.99 -6.45 19.23
C LEU B 261 -17.12 -7.31 19.74
N GLY B 262 -16.99 -7.80 20.95
CA GLY B 262 -18.06 -8.53 21.58
C GLY B 262 -17.74 -9.99 21.75
N ASP B 263 -18.54 -10.65 22.59
CA ASP B 263 -18.34 -12.05 22.89
C ASP B 263 -18.59 -12.95 21.68
N ASP B 264 -19.43 -12.48 20.76
CA ASP B 264 -19.75 -13.28 19.57
C ASP B 264 -18.49 -13.43 18.71
N PHE B 265 -17.85 -12.33 18.34
CA PHE B 265 -16.61 -12.40 17.59
C PHE B 265 -15.53 -13.15 18.38
N GLY B 266 -15.42 -12.88 19.69
CA GLY B 266 -14.40 -13.49 20.51
C GLY B 266 -14.44 -15.01 20.52
N ALA B 267 -15.61 -15.56 20.23
CA ALA B 267 -15.81 -17.00 20.28
C ALA B 267 -15.01 -17.71 19.20
N LEU B 268 -14.60 -16.96 18.17
CA LEU B 268 -13.84 -17.50 17.06
C LEU B 268 -12.33 -17.32 17.24
N ALA B 269 -11.91 -16.90 18.44
CA ALA B 269 -10.48 -16.76 18.72
C ALA B 269 -9.78 -18.10 18.65
N PRO B 270 -8.50 -18.09 18.30
CA PRO B 270 -7.82 -19.38 18.13
C PRO B 270 -7.61 -20.16 19.41
N LEU B 271 -7.88 -21.46 19.34
CA LEU B 271 -7.46 -22.38 20.39
C LEU B 271 -6.01 -22.78 20.24
N GLU B 272 -5.55 -22.79 18.99
CA GLU B 272 -4.22 -23.18 18.60
C GLU B 272 -3.96 -22.56 17.22
N VAL B 273 -2.71 -22.18 16.95
CA VAL B 273 -2.37 -21.53 15.68
C VAL B 273 -1.45 -22.42 14.87
N GLY B 274 -1.76 -22.53 13.58
CA GLY B 274 -1.05 -23.40 12.67
C GLY B 274 -0.10 -22.65 11.76
N SER B 275 -0.01 -23.14 10.53
CA SER B 275 0.89 -22.60 9.53
C SER B 275 0.44 -21.26 8.94
N GLY B 276 1.42 -20.44 8.61
CA GLY B 276 1.18 -19.20 7.87
C GLY B 276 1.59 -19.34 6.41
N HIS B 277 0.99 -18.50 5.57
CA HIS B 277 1.21 -18.54 4.12
C HIS B 277 1.25 -17.12 3.56
N VAL B 278 2.16 -16.87 2.62
CA VAL B 278 2.29 -15.58 1.97
C VAL B 278 2.32 -15.87 0.46
N PHE B 279 1.42 -15.26 -0.30
CA PHE B 279 1.28 -15.56 -1.71
C PHE B 279 0.49 -14.48 -2.43
N SER B 280 0.53 -14.53 -3.76
CA SER B 280 -0.29 -13.64 -4.61
C SER B 280 -1.47 -14.44 -5.14
N TYR B 281 -2.58 -13.75 -5.42
CA TYR B 281 -3.82 -14.43 -5.76
C TYR B 281 -4.59 -13.59 -6.78
N GLY B 282 -5.20 -14.24 -7.75
CA GLY B 282 -6.06 -13.56 -8.72
C GLY B 282 -7.34 -14.35 -8.96
N GLU B 283 -8.43 -13.65 -9.29
CA GLU B 283 -9.66 -14.32 -9.69
C GLU B 283 -10.52 -13.31 -10.43
N THR B 284 -11.49 -13.84 -11.18
CA THR B 284 -12.54 -13.03 -11.78
C THR B 284 -13.86 -13.44 -11.15
N LEU B 285 -14.59 -12.44 -10.64
CA LEU B 285 -15.84 -12.66 -9.95
C LEU B 285 -16.97 -12.26 -10.88
N HIS B 286 -17.89 -13.19 -11.13
CA HIS B 286 -18.89 -13.04 -12.19
C HIS B 286 -20.32 -12.69 -11.72
N GLY B 287 -20.67 -13.13 -10.53
CA GLY B 287 -22.03 -13.00 -10.06
C GLY B 287 -22.29 -14.09 -9.06
N GLY B 288 -23.55 -14.24 -8.67
CA GLY B 288 -23.88 -15.17 -7.63
C GLY B 288 -24.61 -16.36 -8.23
N ARG B 289 -24.52 -17.49 -7.54
CA ARG B 289 -25.38 -18.62 -7.83
C ARG B 289 -26.15 -19.05 -6.58
N LEU B 290 -27.43 -19.34 -6.75
CA LEU B 290 -28.26 -19.63 -5.60
C LEU B 290 -27.97 -21.04 -5.08
N LEU B 291 -27.62 -21.13 -3.81
CA LEU B 291 -27.50 -22.43 -3.14
C LEU B 291 -28.86 -22.84 -2.56
N SER B 292 -29.50 -21.92 -1.85
CA SER B 292 -30.85 -22.15 -1.36
C SER B 292 -31.59 -20.87 -1.05
N ASP B 293 -32.87 -20.82 -1.39
CA ASP B 293 -33.71 -19.72 -0.97
C ASP B 293 -34.70 -20.17 0.09
N TYR B 294 -34.48 -21.37 0.63
CA TYR B 294 -35.24 -21.85 1.78
C TYR B 294 -36.75 -21.91 1.51
N SER B 295 -37.15 -22.03 0.25
CA SER B 295 -38.57 -22.08 -0.12
C SER B 295 -39.12 -23.51 -0.10
C PYR C . 12.24 10.64 5.68
O PYR C . 11.42 9.67 5.96
OXT PYR C . 13.30 10.78 6.42
CA PYR C . 12.02 11.50 4.59
CB PYR C . 12.16 11.04 3.16
C PYR D . -15.24 -6.74 -2.98
O PYR D . -14.38 -5.82 -3.26
OXT PYR D . -16.20 -6.94 -3.85
CA PYR D . -15.14 -7.48 -1.79
CB PYR D . -13.96 -8.37 -1.54
C PYR E . -7.01 -1.21 22.69
O PYR E . -7.25 0.07 22.64
OXT PYR E . -7.99 -1.99 23.05
CA PYR E . -5.77 -1.65 22.28
O3 PYR E . -5.69 -2.07 21.06
CB PYR E . -4.51 -1.66 23.07
#